data_3E95
#
_entry.id   3E95
#
_cell.length_a   154.856
_cell.length_b   154.856
_cell.length_c   81.360
_cell.angle_alpha   90.00
_cell.angle_beta   90.00
_cell.angle_gamma   120.00
#
_symmetry.space_group_name_H-M   'P 65'
#
loop_
_entity.id
_entity.type
_entity.pdbx_description
1 polymer 'Ubiquitin carrier protein'
2 polymer 'Ubiquitin-conjugating enzyme E2'
3 non-polymer 'UNKNOWN ATOM OR ION'
4 water water
#
loop_
_entity_poly.entity_id
_entity_poly.type
_entity_poly.pdbx_seq_one_letter_code
_entity_poly.pdbx_strand_id
1 'polypeptide(L)'
;GIPRRITKETQNLANEPPPGIMAVPVPENYRHFNILINGPDGTPYEGGTYKLELFLPEQYPMEPPKVRFLTKIYHPNIDK
LGRICLDILKDKWSPALQIRTVLLSIQALLSSPEPDDPLDSKVAEHFKQDKNDAEHVARQWNKIYANNNVL
;
A,B
2 'polypeptide(L)'
;MHHHHHHSSGRENLYFQGMSEVIVPRSFRLLDELERGQKGNVSEGVSFGLESADDITLSNWSCTIFGQPGTVFENRIYSL
TIFCDDNYPDSPPTVKFDTKIEMSCVDNCGRVIKNNLHILKNWNRNYTIETILISLRQEMLSSANKRLPQPNEGEVYS
;
C
#
loop_
_chem_comp.id
_chem_comp.type
_chem_comp.name
_chem_comp.formula
UNX non-polymer 'UNKNOWN ATOM OR ION' ?
#
# COMPACT_ATOMS: atom_id res chain seq x y z
N ILE A 2 14.49 -9.74 41.47
CA ILE A 2 13.90 -11.01 40.95
C ILE A 2 12.53 -11.28 41.63
N PRO A 3 11.44 -10.80 41.00
CA PRO A 3 10.08 -10.96 41.53
C PRO A 3 9.63 -12.42 41.54
N ARG A 4 8.77 -12.76 42.50
CA ARG A 4 8.30 -14.13 42.71
C ARG A 4 7.37 -14.61 41.59
N ARG A 5 6.56 -13.70 41.07
CA ARG A 5 5.58 -14.03 40.03
C ARG A 5 6.23 -14.45 38.71
N ILE A 6 7.21 -13.68 38.25
CA ILE A 6 7.94 -13.99 37.01
C ILE A 6 8.58 -15.37 37.09
N THR A 7 9.22 -15.66 38.22
CA THR A 7 9.86 -16.97 38.45
C THR A 7 8.82 -18.11 38.46
N LYS A 8 7.65 -17.83 39.02
CA LYS A 8 6.57 -18.82 39.08
C LYS A 8 5.98 -19.05 37.69
N GLU A 9 5.74 -17.97 36.95
CA GLU A 9 5.21 -18.06 35.59
C GLU A 9 6.17 -18.77 34.65
N THR A 10 7.47 -18.47 34.78
CA THR A 10 8.52 -19.13 34.02
C THR A 10 8.47 -20.65 34.22
N GLN A 11 8.41 -21.07 35.48
CA GLN A 11 8.35 -22.49 35.84
C GLN A 11 7.06 -23.14 35.37
N ASN A 12 5.96 -22.41 35.45
CA ASN A 12 4.64 -22.89 35.01
C ASN A 12 4.58 -23.13 33.50
N LEU A 13 5.27 -22.29 32.74
CA LEU A 13 5.32 -22.42 31.28
C LEU A 13 6.25 -23.55 30.83
N ALA A 14 7.34 -23.76 31.57
CA ALA A 14 8.31 -24.80 31.25
C ALA A 14 7.82 -26.20 31.64
N ASN A 15 7.26 -26.31 32.84
CA ASN A 15 6.79 -27.60 33.36
C ASN A 15 5.43 -28.02 32.80
N GLU A 16 4.52 -27.05 32.65
CA GLU A 16 3.19 -27.30 32.13
C GLU A 16 2.83 -26.33 30.99
N PRO A 17 3.40 -26.55 29.79
CA PRO A 17 3.10 -25.67 28.67
C PRO A 17 1.74 -25.95 28.04
N PRO A 18 1.09 -24.92 27.48
CA PRO A 18 -0.15 -25.15 26.74
C PRO A 18 0.13 -25.94 25.46
N PRO A 19 -0.81 -26.81 25.04
CA PRO A 19 -0.60 -27.61 23.84
C PRO A 19 -0.33 -26.76 22.59
N GLY A 20 0.79 -27.05 21.93
CA GLY A 20 1.19 -26.32 20.73
C GLY A 20 1.95 -25.03 21.02
N ILE A 21 2.27 -24.81 22.29
CA ILE A 21 2.98 -23.61 22.73
C ILE A 21 4.19 -23.96 23.60
N MET A 22 5.33 -23.35 23.27
CA MET A 22 6.53 -23.48 24.07
C MET A 22 7.08 -22.10 24.40
N ALA A 23 7.46 -21.90 25.66
CA ALA A 23 8.01 -20.62 26.10
C ALA A 23 9.13 -20.81 27.12
N VAL A 24 10.32 -20.32 26.77
CA VAL A 24 11.49 -20.37 27.65
C VAL A 24 12.20 -19.01 27.68
N PRO A 25 12.77 -18.64 28.84
CA PRO A 25 13.51 -17.38 28.90
C PRO A 25 14.89 -17.47 28.27
N VAL A 26 15.46 -16.31 27.94
CA VAL A 26 16.83 -16.22 27.43
C VAL A 26 17.79 -16.22 28.62
N PRO A 27 18.82 -17.09 28.59
CA PRO A 27 19.85 -17.11 29.64
C PRO A 27 20.41 -15.70 29.90
N GLU A 28 20.49 -15.34 31.19
CA GLU A 28 20.96 -14.02 31.65
C GLU A 28 20.01 -12.85 31.34
N ASN A 29 18.79 -13.16 30.92
CA ASN A 29 17.70 -12.18 30.80
C ASN A 29 16.33 -12.84 30.98
N TYR A 30 15.87 -12.87 32.23
CA TYR A 30 14.62 -13.51 32.60
C TYR A 30 13.38 -12.77 32.08
N ARG A 31 13.59 -11.54 31.60
CA ARG A 31 12.50 -10.72 31.05
C ARG A 31 12.30 -10.98 29.55
N HIS A 32 13.37 -11.40 28.88
CA HIS A 32 13.34 -11.78 27.47
C HIS A 32 12.84 -13.22 27.35
N PHE A 33 11.88 -13.44 26.45
CA PHE A 33 11.32 -14.77 26.22
C PHE A 33 11.36 -15.18 24.75
N ASN A 34 11.66 -16.45 24.50
CA ASN A 34 11.55 -17.05 23.17
C ASN A 34 10.34 -17.96 23.11
N ILE A 35 9.47 -17.74 22.13
CA ILE A 35 8.22 -18.48 22.03
C ILE A 35 8.14 -19.24 20.71
N LEU A 36 7.68 -20.48 20.79
CA LEU A 36 7.36 -21.28 19.62
C LEU A 36 5.89 -21.64 19.67
N ILE A 37 5.14 -21.22 18.64
CA ILE A 37 3.73 -21.59 18.51
C ILE A 37 3.52 -22.39 17.23
N ASN A 38 2.93 -23.58 17.38
CA ASN A 38 2.55 -24.39 16.25
C ASN A 38 1.36 -23.78 15.52
N GLY A 39 1.38 -23.87 14.20
CA GLY A 39 0.24 -23.45 13.40
C GLY A 39 -0.91 -24.41 13.64
N PRO A 40 -2.09 -23.88 14.01
CA PRO A 40 -3.25 -24.69 14.35
C PRO A 40 -3.73 -25.56 13.18
N ASP A 41 -4.29 -26.72 13.51
CA ASP A 41 -4.90 -27.61 12.52
C ASP A 41 -6.09 -26.93 11.85
N GLY A 42 -6.27 -27.18 10.56
CA GLY A 42 -7.38 -26.61 9.79
C GLY A 42 -7.17 -25.17 9.37
N THR A 43 -5.94 -24.68 9.51
CA THR A 43 -5.57 -23.33 9.06
C THR A 43 -4.40 -23.42 8.07
N PRO A 44 -4.19 -22.37 7.25
CA PRO A 44 -3.07 -22.35 6.31
C PRO A 44 -1.70 -22.50 6.98
N TYR A 45 -1.67 -22.36 8.30
CA TYR A 45 -0.43 -22.38 9.07
C TYR A 45 -0.14 -23.76 9.66
N GLU A 46 -1.02 -24.71 9.38
CA GLU A 46 -0.90 -26.09 9.88
C GLU A 46 0.43 -26.73 9.51
N GLY A 47 1.06 -27.37 10.48
CA GLY A 47 2.35 -28.04 10.28
C GLY A 47 3.55 -27.12 10.49
N GLY A 48 3.30 -25.83 10.55
CA GLY A 48 4.37 -24.84 10.73
C GLY A 48 4.68 -24.50 12.17
N THR A 49 5.90 -24.03 12.40
CA THR A 49 6.33 -23.58 13.72
C THR A 49 6.71 -22.11 13.65
N TYR A 50 6.08 -21.29 14.49
CA TYR A 50 6.26 -19.85 14.45
C TYR A 50 7.03 -19.31 15.67
N LYS A 51 8.13 -18.63 15.38
CA LYS A 51 8.95 -17.99 16.40
C LYS A 51 8.33 -16.65 16.80
N LEU A 52 8.32 -16.39 18.11
CA LEU A 52 7.90 -15.08 18.63
C LEU A 52 8.84 -14.66 19.75
N GLU A 53 8.95 -13.36 19.97
CA GLU A 53 9.69 -12.82 21.11
C GLU A 53 8.74 -12.06 22.05
N LEU A 54 8.89 -12.32 23.35
CA LEU A 54 8.08 -11.65 24.37
C LEU A 54 8.97 -10.97 25.40
N PHE A 55 8.72 -9.68 25.61
CA PHE A 55 9.44 -8.91 26.61
C PHE A 55 8.54 -8.52 27.78
N LEU A 56 9.03 -8.76 29.00
CA LEU A 56 8.33 -8.31 30.19
C LEU A 56 8.93 -6.99 30.64
N PRO A 57 8.11 -5.92 30.64
CA PRO A 57 8.57 -4.60 31.08
C PRO A 57 8.81 -4.56 32.59
N GLU A 58 9.44 -3.50 33.08
CA GLU A 58 9.76 -3.37 34.50
C GLU A 58 8.52 -3.36 35.38
N GLN A 59 7.47 -2.69 34.91
CA GLN A 59 6.23 -2.54 35.68
C GLN A 59 5.33 -3.78 35.66
N TYR A 60 5.66 -4.78 34.84
CA TYR A 60 4.90 -6.03 34.79
C TYR A 60 4.78 -6.64 36.19
N PRO A 61 3.57 -7.12 36.56
CA PRO A 61 2.36 -7.31 35.76
C PRO A 61 1.37 -6.14 35.73
N MET A 62 1.81 -4.95 36.11
CA MET A 62 0.95 -3.77 36.04
C MET A 62 0.81 -3.27 34.61
N GLU A 63 1.88 -3.43 33.83
CA GLU A 63 1.88 -3.13 32.40
C GLU A 63 1.95 -4.42 31.58
N PRO A 64 1.33 -4.42 30.38
CA PRO A 64 1.32 -5.61 29.52
C PRO A 64 2.69 -5.92 28.91
N PRO A 65 2.94 -7.19 28.56
CA PRO A 65 4.18 -7.55 27.87
C PRO A 65 4.16 -7.12 26.40
N LYS A 66 5.34 -7.05 25.80
CA LYS A 66 5.48 -6.79 24.36
C LYS A 66 5.73 -8.10 23.61
N VAL A 67 5.01 -8.30 22.50
CA VAL A 67 5.15 -9.52 21.70
C VAL A 67 5.14 -9.19 20.20
N ARG A 68 6.01 -9.87 19.46
CA ARG A 68 5.94 -9.86 17.99
C ARG A 68 6.51 -11.15 17.39
N PHE A 69 5.97 -11.53 16.23
CA PHE A 69 6.46 -12.67 15.47
C PHE A 69 7.85 -12.37 14.91
N LEU A 70 8.70 -13.39 14.89
CA LEU A 70 9.97 -13.32 14.17
C LEU A 70 9.84 -14.04 12.83
N THR A 71 8.97 -15.05 12.80
CA THR A 71 8.66 -15.78 11.58
C THR A 71 7.61 -15.01 10.76
N LYS A 72 7.88 -14.84 9.47
CA LYS A 72 6.95 -14.20 8.55
C LYS A 72 5.66 -14.99 8.46
N ILE A 73 4.53 -14.28 8.39
CA ILE A 73 3.22 -14.91 8.37
C ILE A 73 2.22 -14.08 7.57
N TYR A 74 1.46 -14.75 6.71
CA TYR A 74 0.44 -14.09 5.91
C TYR A 74 -0.91 -14.13 6.65
N HIS A 75 -1.21 -13.05 7.35
CA HIS A 75 -2.36 -12.97 8.24
C HIS A 75 -2.85 -11.52 8.28
N PRO A 76 -4.17 -11.30 8.15
CA PRO A 76 -4.71 -9.94 8.11
C PRO A 76 -4.52 -9.12 9.39
N ASN A 77 -4.30 -9.79 10.52
CA ASN A 77 -4.17 -9.12 11.81
C ASN A 77 -2.74 -9.09 12.35
N ILE A 78 -1.78 -9.44 11.48
CA ILE A 78 -0.36 -9.37 11.81
C ILE A 78 0.36 -8.62 10.69
N ASP A 79 1.07 -7.56 11.04
CA ASP A 79 1.72 -6.72 10.03
C ASP A 79 3.03 -7.33 9.52
N LYS A 80 3.67 -6.65 8.57
CA LYS A 80 4.90 -7.15 7.93
C LYS A 80 6.08 -7.30 8.88
N LEU A 81 6.02 -6.63 10.03
CA LEU A 81 7.11 -6.68 11.01
C LEU A 81 6.83 -7.67 12.15
N GLY A 82 5.70 -8.37 12.05
CA GLY A 82 5.33 -9.38 13.03
C GLY A 82 4.53 -8.86 14.21
N ARG A 83 4.23 -7.56 14.21
CA ARG A 83 3.47 -6.93 15.28
C ARG A 83 2.00 -7.33 15.22
N ILE A 84 1.38 -7.42 16.40
CA ILE A 84 -0.04 -7.76 16.51
C ILE A 84 -0.82 -6.66 17.21
N CYS A 85 -2.15 -6.72 17.10
CA CYS A 85 -3.04 -5.77 17.76
C CYS A 85 -4.05 -6.51 18.64
N LEU A 86 -3.69 -6.68 19.91
CA LEU A 86 -4.55 -7.37 20.87
C LEU A 86 -5.00 -6.44 21.98
N ASP A 87 -6.31 -6.39 22.21
CA ASP A 87 -6.90 -5.54 23.24
C ASP A 87 -6.29 -5.77 24.62
N ILE A 88 -6.01 -7.03 24.95
CA ILE A 88 -5.41 -7.37 26.24
C ILE A 88 -3.94 -6.94 26.38
N LEU A 89 -3.42 -6.27 25.36
CA LEU A 89 -2.07 -5.70 25.40
C LEU A 89 -2.10 -4.17 25.33
N ASP A 91 -4.58 -1.72 27.37
CA ASP A 91 -5.80 -1.01 27.74
C ASP A 91 -6.80 -1.96 28.38
N LYS A 92 -6.93 -3.16 27.81
CA LYS A 92 -7.70 -4.23 28.45
C LYS A 92 -6.79 -5.18 29.21
N TRP A 93 -5.56 -4.74 29.46
CA TRP A 93 -4.61 -5.52 30.26
C TRP A 93 -4.95 -5.39 31.75
N SER A 94 -4.77 -6.51 32.46
CA SER A 94 -4.94 -6.57 33.91
C SER A 94 -3.91 -7.53 34.47
N PRO A 95 -3.40 -7.26 35.68
CA PRO A 95 -2.50 -8.20 36.35
C PRO A 95 -3.17 -9.57 36.60
N ALA A 96 -4.49 -9.61 36.47
CA ALA A 96 -5.26 -10.84 36.50
C ALA A 96 -4.87 -11.79 35.37
N LEU A 97 -4.44 -11.20 34.25
CA LEU A 97 -3.98 -11.95 33.09
C LEU A 97 -2.50 -12.33 33.25
N GLN A 98 -2.07 -13.35 32.51
CA GLN A 98 -0.70 -13.86 32.59
C GLN A 98 -0.09 -14.03 31.20
N ILE A 99 1.21 -14.32 31.16
CA ILE A 99 1.91 -14.62 29.90
C ILE A 99 1.19 -15.73 29.13
N ARG A 100 0.72 -16.74 29.87
CA ARG A 100 -0.06 -17.84 29.32
C ARG A 100 -1.31 -17.34 28.59
N THR A 101 -1.95 -16.30 29.15
CA THR A 101 -3.15 -15.70 28.55
C THR A 101 -2.83 -15.10 27.18
N VAL A 102 -1.67 -14.44 27.09
CA VAL A 102 -1.26 -13.76 25.88
C VAL A 102 -0.95 -14.76 24.76
N LEU A 103 -0.19 -15.79 25.09
CA LEU A 103 0.20 -16.84 24.13
C LEU A 103 -1.00 -17.63 23.61
N LEU A 104 -1.93 -17.93 24.51
CA LEU A 104 -3.18 -18.60 24.12
C LEU A 104 -4.02 -17.72 23.19
N SER A 105 -3.97 -16.41 23.43
CA SER A 105 -4.72 -15.44 22.63
C SER A 105 -4.15 -15.33 21.22
N ILE A 106 -2.82 -15.31 21.11
CA ILE A 106 -2.13 -15.31 19.82
C ILE A 106 -2.43 -16.59 19.05
N GLN A 107 -2.39 -17.72 19.75
CA GLN A 107 -2.70 -19.02 19.17
C GLN A 107 -4.12 -19.06 18.62
N ALA A 108 -5.06 -18.49 19.37
CA ALA A 108 -6.46 -18.41 18.97
C ALA A 108 -6.65 -17.51 17.74
N LEU A 109 -5.84 -16.46 17.65
CA LEU A 109 -5.90 -15.51 16.55
C LEU A 109 -5.56 -16.15 15.20
N LEU A 110 -4.61 -17.09 15.23
CA LEU A 110 -4.22 -17.84 14.03
C LEU A 110 -5.36 -18.68 13.47
N SER A 111 -6.27 -19.08 14.36
CA SER A 111 -7.45 -19.85 13.97
C SER A 111 -8.61 -18.96 13.56
N SER A 112 -8.64 -17.74 14.09
CA SER A 112 -9.75 -16.81 13.84
C SER A 112 -9.28 -15.45 13.31
N PRO A 113 -8.90 -15.39 12.02
CA PRO A 113 -8.50 -14.13 11.42
C PRO A 113 -9.71 -13.22 11.20
N GLU A 114 -9.54 -11.93 11.49
CA GLU A 114 -10.60 -10.96 11.28
C GLU A 114 -10.16 -9.90 10.27
N PRO A 115 -10.43 -10.13 8.98
CA PRO A 115 -10.04 -9.21 7.90
C PRO A 115 -10.79 -7.88 7.94
N ASP A 116 -11.97 -7.86 8.55
CA ASP A 116 -12.75 -6.62 8.72
C ASP A 116 -12.18 -5.71 9.81
N ASP A 117 -11.38 -6.29 10.70
CA ASP A 117 -10.68 -5.54 11.74
C ASP A 117 -9.16 -5.68 11.53
N PRO A 118 -8.63 -5.07 10.46
CA PRO A 118 -7.29 -5.39 10.00
C PRO A 118 -6.16 -4.58 10.62
N LEU A 119 -4.97 -5.18 10.67
CA LEU A 119 -3.75 -4.46 11.02
C LEU A 119 -2.91 -4.21 9.77
N ASP A 120 -3.01 -5.14 8.82
CA ASP A 120 -2.39 -4.98 7.49
C ASP A 120 -3.50 -4.93 6.45
N SER A 121 -3.82 -3.71 6.00
CA SER A 121 -4.95 -3.47 5.11
C SER A 121 -4.81 -4.09 3.72
N LYS A 122 -3.58 -4.16 3.23
CA LYS A 122 -3.29 -4.80 1.94
C LYS A 122 -3.59 -6.29 2.01
N VAL A 123 -3.01 -6.97 3.00
CA VAL A 123 -3.24 -8.39 3.23
C VAL A 123 -4.73 -8.68 3.49
N ALA A 124 -5.37 -7.80 4.25
CA ALA A 124 -6.78 -7.94 4.62
C ALA A 124 -7.71 -7.90 3.40
N GLU A 125 -7.45 -6.98 2.48
CA GLU A 125 -8.28 -6.85 1.28
C GLU A 125 -8.22 -8.11 0.44
N HIS A 126 -7.06 -8.76 0.44
CA HIS A 126 -6.87 -10.03 -0.24
C HIS A 126 -7.74 -11.12 0.38
N PHE A 127 -7.75 -11.20 1.71
CA PHE A 127 -8.58 -12.15 2.44
C PHE A 127 -10.09 -11.92 2.25
N LYS A 128 -10.47 -10.66 2.03
CA LYS A 128 -11.88 -10.33 1.77
C LYS A 128 -12.30 -10.60 0.32
N GLN A 129 -11.48 -10.20 -0.63
CA GLN A 129 -11.80 -10.35 -2.06
C GLN A 129 -11.68 -11.80 -2.52
N ASP A 130 -10.69 -12.52 -2.01
CA ASP A 130 -10.46 -13.92 -2.39
C ASP A 130 -9.85 -14.71 -1.23
N LYS A 131 -10.72 -15.25 -0.38
CA LYS A 131 -10.31 -15.99 0.82
C LYS A 131 -9.45 -17.21 0.48
N ASN A 132 -9.90 -18.01 -0.50
CA ASN A 132 -9.18 -19.20 -0.95
C ASN A 132 -7.75 -18.91 -1.39
N ASP A 133 -7.59 -17.91 -2.24
CA ASP A 133 -6.28 -17.52 -2.76
C ASP A 133 -5.37 -16.94 -1.68
N ALA A 134 -5.95 -16.19 -0.75
CA ALA A 134 -5.20 -15.62 0.37
C ALA A 134 -4.66 -16.72 1.29
N GLU A 135 -5.50 -17.72 1.55
CA GLU A 135 -5.11 -18.88 2.35
C GLU A 135 -4.06 -19.71 1.63
N HIS A 136 -4.18 -19.79 0.31
CA HIS A 136 -3.20 -20.46 -0.56
C HIS A 136 -1.83 -19.80 -0.44
N VAL A 137 -1.80 -18.47 -0.54
CA VAL A 137 -0.57 -17.70 -0.35
C VAL A 137 -0.04 -17.90 1.08
N ALA A 138 -0.94 -17.90 2.05
CA ALA A 138 -0.57 -18.11 3.45
C ALA A 138 0.02 -19.50 3.69
N ARG A 139 -0.53 -20.49 3.00
CA ARG A 139 -0.07 -21.88 3.12
C ARG A 139 1.33 -22.03 2.52
N GLN A 140 1.60 -21.29 1.45
CA GLN A 140 2.92 -21.27 0.82
C GLN A 140 3.95 -20.57 1.70
N TRP A 141 3.55 -19.46 2.31
CA TRP A 141 4.39 -18.76 3.29
C TRP A 141 4.78 -19.70 4.42
N ASN A 142 3.81 -20.47 4.91
CA ASN A 142 4.02 -21.46 5.95
C ASN A 142 5.09 -22.51 5.55
N LYS A 143 5.02 -22.97 4.31
CA LYS A 143 5.97 -23.96 3.78
C LYS A 143 7.41 -23.44 3.72
N ILE A 144 7.59 -22.21 3.25
CA ILE A 144 8.93 -21.65 3.06
C ILE A 144 9.50 -20.92 4.31
N TYR A 145 8.62 -20.27 5.09
CA TYR A 145 9.06 -19.48 6.25
C TYR A 145 8.95 -20.19 7.60
N ALA A 146 8.08 -21.19 7.69
CA ALA A 146 7.85 -21.89 8.96
C ALA A 146 8.05 -23.41 8.85
N ASN A 147 9.06 -23.83 8.09
CA ASN A 147 9.33 -25.25 7.83
C ASN A 147 9.65 -26.03 9.10
N ASN A 148 10.67 -25.60 9.83
CA ASN A 148 11.03 -26.16 11.13
C ASN A 148 11.68 -25.11 12.03
N ASN A 149 10.85 -24.48 12.87
CA ASN A 149 11.26 -23.39 13.75
C ASN A 149 11.66 -22.12 13.00
N ILE B 2 -22.55 13.94 -23.43
CA ILE B 2 -21.89 12.94 -24.33
C ILE B 2 -21.57 13.56 -25.71
N PRO B 3 -20.41 14.26 -25.81
CA PRO B 3 -20.04 15.03 -27.00
C PRO B 3 -20.00 14.22 -28.29
N ARG B 4 -20.27 14.90 -29.41
CA ARG B 4 -20.26 14.28 -30.74
C ARG B 4 -18.84 13.89 -31.16
N ARG B 5 -17.85 14.68 -30.75
CA ARG B 5 -16.46 14.41 -31.08
C ARG B 5 -15.97 13.09 -30.48
N ILE B 6 -16.26 12.88 -29.20
CA ILE B 6 -15.84 11.66 -28.49
C ILE B 6 -16.43 10.40 -29.16
N THR B 7 -17.71 10.46 -29.53
CA THR B 7 -18.37 9.38 -30.28
C THR B 7 -17.70 9.14 -31.63
N LYS B 8 -17.41 10.22 -32.35
CA LYS B 8 -16.79 10.13 -33.66
C LYS B 8 -15.38 9.53 -33.57
N GLU B 9 -14.62 9.96 -32.56
CA GLU B 9 -13.29 9.43 -32.31
C GLU B 9 -13.33 7.96 -31.91
N THR B 10 -14.28 7.61 -31.03
CA THR B 10 -14.50 6.24 -30.60
C THR B 10 -14.75 5.32 -31.81
N GLN B 11 -15.64 5.75 -32.69
CA GLN B 11 -15.98 5.00 -33.90
C GLN B 11 -14.82 4.91 -34.88
N ASN B 12 -14.10 6.02 -35.04
CA ASN B 12 -12.94 6.08 -35.93
C ASN B 12 -11.81 5.14 -35.48
N LEU B 13 -11.60 5.07 -34.17
CA LEU B 13 -10.58 4.19 -33.59
C LEU B 13 -10.96 2.71 -33.71
N ALA B 14 -12.26 2.44 -33.71
CA ALA B 14 -12.78 1.07 -33.82
C ALA B 14 -12.85 0.60 -35.27
N ASN B 15 -13.20 1.51 -36.17
CA ASN B 15 -13.41 1.16 -37.59
C ASN B 15 -12.16 1.33 -38.46
N GLU B 16 -11.37 2.35 -38.18
CA GLU B 16 -10.11 2.57 -38.89
C GLU B 16 -8.97 2.76 -37.88
N PRO B 17 -8.57 1.66 -37.20
CA PRO B 17 -7.50 1.81 -36.23
C PRO B 17 -6.14 1.85 -36.93
N PRO B 18 -5.21 2.69 -36.43
CA PRO B 18 -3.86 2.68 -36.97
C PRO B 18 -3.22 1.31 -36.78
N PRO B 19 -2.37 0.87 -37.73
CA PRO B 19 -1.68 -0.41 -37.60
C PRO B 19 -0.97 -0.55 -36.26
N GLY B 20 -1.18 -1.67 -35.59
CA GLY B 20 -0.56 -1.94 -34.30
C GLY B 20 -1.21 -1.26 -33.10
N ILE B 21 -2.34 -0.59 -33.34
CA ILE B 21 -3.05 0.12 -32.27
C ILE B 21 -4.50 -0.37 -32.19
N MET B 22 -4.96 -0.60 -30.96
CA MET B 22 -6.33 -0.99 -30.70
C MET B 22 -6.86 -0.20 -29.52
N ALA B 23 -8.04 0.39 -29.67
CA ALA B 23 -8.63 1.21 -28.62
C ALA B 23 -10.14 1.02 -28.57
N VAL B 24 -10.64 0.74 -27.37
CA VAL B 24 -12.05 0.52 -27.14
C VAL B 24 -12.40 1.04 -25.74
N PRO B 25 -13.54 1.77 -25.62
CA PRO B 25 -13.93 2.28 -24.30
C PRO B 25 -14.36 1.17 -23.36
N VAL B 26 -14.25 1.44 -22.06
CA VAL B 26 -14.70 0.55 -21.01
C VAL B 26 -16.23 0.65 -20.91
N PRO B 27 -16.94 -0.51 -20.82
CA PRO B 27 -18.41 -0.51 -20.78
C PRO B 27 -19.01 0.39 -19.69
N GLU B 28 -18.33 0.54 -18.56
CA GLU B 28 -18.82 1.35 -17.45
C GLU B 28 -18.60 2.85 -17.66
N ASN B 29 -17.69 3.20 -18.57
CA ASN B 29 -17.24 4.57 -18.73
C ASN B 29 -16.79 4.86 -20.16
N TYR B 30 -17.55 5.71 -20.85
CA TYR B 30 -17.28 6.01 -22.27
C TYR B 30 -16.01 6.85 -22.47
N ARG B 31 -15.53 7.44 -21.38
CA ARG B 31 -14.32 8.28 -21.41
C ARG B 31 -13.07 7.51 -20.98
N HIS B 32 -13.26 6.27 -20.51
CA HIS B 32 -12.15 5.42 -20.09
C HIS B 32 -11.90 4.34 -21.13
N PHE B 33 -10.68 4.29 -21.66
CA PHE B 33 -10.34 3.42 -22.78
C PHE B 33 -9.33 2.34 -22.42
N ASN B 34 -9.59 1.12 -22.88
CA ASN B 34 -8.58 0.07 -22.92
C ASN B 34 -7.79 0.21 -24.20
N ILE B 35 -6.48 0.09 -24.12
CA ILE B 35 -5.62 0.25 -25.29
C ILE B 35 -4.56 -0.83 -25.38
N LEU B 36 -4.41 -1.39 -26.58
CA LEU B 36 -3.27 -2.24 -26.89
C LEU B 36 -2.40 -1.56 -27.92
N ILE B 37 -1.09 -1.58 -27.69
CA ILE B 37 -0.12 -1.12 -28.67
C ILE B 37 0.90 -2.22 -28.90
N ASN B 38 1.04 -2.62 -30.15
CA ASN B 38 2.00 -3.63 -30.54
C ASN B 38 3.42 -3.09 -30.38
N GLY B 39 4.33 -3.95 -29.91
CA GLY B 39 5.73 -3.60 -29.85
C GLY B 39 6.29 -3.52 -31.26
N PRO B 40 6.81 -2.35 -31.67
CA PRO B 40 7.27 -2.16 -33.04
C PRO B 40 8.44 -3.07 -33.40
N ASP B 41 8.52 -3.44 -34.68
CA ASP B 41 9.63 -4.24 -35.20
C ASP B 41 10.94 -3.49 -35.07
N GLY B 42 12.02 -4.24 -34.87
CA GLY B 42 13.36 -3.66 -34.73
C GLY B 42 13.58 -2.91 -33.43
N THR B 43 12.75 -3.19 -32.43
CA THR B 43 12.91 -2.64 -31.09
C THR B 43 13.03 -3.80 -30.09
N PRO B 44 13.56 -3.54 -28.88
CA PRO B 44 13.52 -4.55 -27.84
C PRO B 44 12.10 -5.02 -27.49
N TYR B 45 11.10 -4.22 -27.86
CA TYR B 45 9.70 -4.52 -27.54
C TYR B 45 8.98 -5.29 -28.64
N GLU B 46 9.72 -5.67 -29.68
CA GLU B 46 9.18 -6.40 -30.83
C GLU B 46 8.41 -7.65 -30.41
N GLY B 47 7.22 -7.81 -30.99
CA GLY B 47 6.36 -8.96 -30.71
C GLY B 47 5.50 -8.80 -29.48
N GLY B 48 5.86 -7.84 -28.62
CA GLY B 48 5.17 -7.64 -27.35
C GLY B 48 3.81 -6.99 -27.49
N THR B 49 2.90 -7.35 -26.60
CA THR B 49 1.59 -6.74 -26.52
C THR B 49 1.54 -5.84 -25.28
N TYR B 50 1.34 -4.55 -25.49
CA TYR B 50 1.36 -3.59 -24.40
C TYR B 50 0.00 -3.00 -24.08
N LYS B 51 -0.42 -3.17 -22.83
CA LYS B 51 -1.70 -2.64 -22.36
C LYS B 51 -1.50 -1.23 -21.86
N LEU B 52 -2.48 -0.37 -22.17
CA LEU B 52 -2.51 0.99 -21.66
C LEU B 52 -3.94 1.34 -21.30
N GLU B 53 -4.10 2.35 -20.45
CA GLU B 53 -5.42 2.94 -20.22
C GLU B 53 -5.37 4.43 -20.50
N LEU B 54 -6.46 4.93 -21.06
CA LEU B 54 -6.58 6.34 -21.42
C LEU B 54 -7.86 6.91 -20.85
N PHE B 55 -7.77 8.13 -20.33
CA PHE B 55 -8.93 8.82 -19.81
C PHE B 55 -9.09 10.19 -20.47
N LEU B 56 -10.31 10.50 -20.88
CA LEU B 56 -10.65 11.81 -21.43
C LEU B 56 -11.23 12.66 -20.31
N PRO B 57 -10.45 13.62 -19.81
CA PRO B 57 -10.88 14.43 -18.66
C PRO B 57 -11.98 15.43 -19.02
N GLU B 58 -12.50 16.10 -18.00
CA GLU B 58 -13.62 17.04 -18.14
C GLU B 58 -13.39 18.10 -19.22
N GLN B 59 -12.17 18.63 -19.29
CA GLN B 59 -11.85 19.72 -20.19
C GLN B 59 -11.34 19.29 -21.57
N TYR B 60 -11.54 18.03 -21.93
CA TYR B 60 -11.21 17.54 -23.27
C TYR B 60 -12.22 18.12 -24.25
N PRO B 61 -11.77 18.57 -25.45
CA PRO B 61 -10.42 18.51 -26.01
C PRO B 61 -9.52 19.72 -25.78
N MET B 62 -9.90 20.64 -24.90
CA MET B 62 -9.05 21.80 -24.58
C MET B 62 -7.80 21.41 -23.79
N GLU B 63 -7.88 20.25 -23.14
CA GLU B 63 -6.74 19.67 -22.44
C GLU B 63 -6.51 18.23 -22.91
N PRO B 64 -5.26 17.75 -22.85
CA PRO B 64 -4.92 16.43 -23.39
C PRO B 64 -5.57 15.27 -22.64
N PRO B 65 -5.74 14.11 -23.31
CA PRO B 65 -6.16 12.90 -22.61
C PRO B 65 -5.08 12.45 -21.63
N LYS B 66 -5.48 11.74 -20.59
CA LYS B 66 -4.53 11.16 -19.63
C LYS B 66 -4.25 9.73 -20.07
N VAL B 67 -2.97 9.35 -20.10
CA VAL B 67 -2.57 8.02 -20.57
C VAL B 67 -1.44 7.44 -19.72
N ARG B 68 -1.52 6.13 -19.47
CA ARG B 68 -0.46 5.39 -18.79
C ARG B 68 -0.37 3.96 -19.33
N PHE B 69 0.84 3.40 -19.30
CA PHE B 69 1.04 1.98 -19.57
C PHE B 69 0.60 1.15 -18.36
N LEU B 70 -0.01 0.01 -18.63
CA LEU B 70 -0.33 -0.97 -17.60
C LEU B 70 0.62 -2.16 -17.67
N THR B 71 1.24 -2.35 -18.83
CA THR B 71 2.26 -3.38 -19.01
C THR B 71 3.63 -2.79 -18.68
N LYS B 72 4.33 -3.42 -17.75
CA LYS B 72 5.65 -2.99 -17.31
C LYS B 72 6.62 -2.98 -18.49
N ILE B 73 7.41 -1.91 -18.57
CA ILE B 73 8.30 -1.70 -19.73
C ILE B 73 9.60 -1.00 -19.31
N TYR B 74 10.70 -1.41 -19.93
CA TYR B 74 12.00 -0.79 -19.69
C TYR B 74 12.30 0.22 -20.80
N HIS B 75 12.06 1.49 -20.51
CA HIS B 75 12.10 2.56 -21.50
C HIS B 75 12.40 3.87 -20.79
N PRO B 76 13.33 4.68 -21.34
CA PRO B 76 13.78 5.94 -20.70
C PRO B 76 12.69 6.96 -20.44
N ASN B 77 11.60 6.90 -21.21
CA ASN B 77 10.52 7.88 -21.11
C ASN B 77 9.26 7.36 -20.41
N ILE B 78 9.34 6.15 -19.87
CA ILE B 78 8.22 5.54 -19.16
C ILE B 78 8.68 5.02 -17.80
N ASP B 79 8.03 5.50 -16.73
CA ASP B 79 8.44 5.17 -15.37
C ASP B 79 7.82 3.87 -14.84
N LYS B 80 8.03 3.60 -13.56
CA LYS B 80 7.65 2.34 -12.94
C LYS B 80 6.15 2.15 -12.78
N LEU B 81 5.41 3.25 -12.93
CA LEU B 81 3.95 3.22 -12.80
C LEU B 81 3.27 3.30 -14.18
N GLY B 82 4.09 3.33 -15.23
CA GLY B 82 3.58 3.39 -16.60
C GLY B 82 3.32 4.80 -17.10
N ARG B 83 3.73 5.81 -16.32
CA ARG B 83 3.54 7.20 -16.71
C ARG B 83 4.49 7.58 -17.84
N ILE B 84 4.00 8.40 -18.76
CA ILE B 84 4.69 8.70 -20.01
C ILE B 84 5.13 10.15 -20.09
N CYS B 85 6.41 10.35 -20.37
CA CYS B 85 6.96 11.68 -20.62
C CYS B 85 6.87 12.00 -22.11
N LEU B 86 5.82 12.76 -22.49
CA LEU B 86 5.54 13.08 -23.88
C LEU B 86 4.98 14.50 -23.98
N ASP B 87 5.56 15.29 -24.89
N ASP B 87 5.54 15.28 -24.90
CA ASP B 87 5.21 16.71 -25.04
CA ASP B 87 5.23 16.71 -25.06
C ASP B 87 3.71 16.99 -25.16
C ASP B 87 3.74 17.03 -25.23
N ILE B 88 3.06 16.29 -26.09
CA ILE B 88 1.62 16.52 -26.37
C ILE B 88 0.68 16.11 -25.24
N LEU B 89 1.19 15.35 -24.27
CA LEU B 89 0.43 15.00 -23.08
C LEU B 89 0.60 16.09 -22.02
N LYS B 90 1.61 16.92 -22.18
CA LYS B 90 1.98 17.91 -21.17
C LYS B 90 1.60 19.35 -21.58
N ASP B 91 2.50 20.04 -22.28
N ASP B 91 2.50 20.01 -22.31
CA ASP B 91 2.26 21.43 -22.65
CA ASP B 91 2.36 21.44 -22.64
C ASP B 91 1.86 21.60 -24.12
C ASP B 91 2.23 21.76 -24.13
N LYS B 92 2.43 20.74 -24.98
CA LYS B 92 2.27 20.89 -26.43
C LYS B 92 1.00 20.25 -26.98
N TRP B 93 -0.08 20.32 -26.20
CA TRP B 93 -1.38 19.84 -26.65
C TRP B 93 -2.16 20.91 -27.41
N SER B 94 -2.93 20.48 -28.39
CA SER B 94 -3.85 21.33 -29.13
C SER B 94 -5.14 20.56 -29.39
N PRO B 95 -6.30 21.24 -29.32
CA PRO B 95 -7.59 20.63 -29.62
C PRO B 95 -7.70 20.05 -31.04
N ALA B 96 -6.81 20.47 -31.94
CA ALA B 96 -6.78 19.92 -33.29
C ALA B 96 -6.20 18.50 -33.32
N LEU B 97 -5.37 18.19 -32.32
CA LEU B 97 -4.88 16.82 -32.13
C LEU B 97 -5.97 15.97 -31.49
N GLN B 98 -5.94 14.67 -31.76
CA GLN B 98 -6.95 13.75 -31.24
C GLN B 98 -6.33 12.52 -30.56
N ILE B 99 -7.18 11.65 -30.02
CA ILE B 99 -6.73 10.42 -29.36
C ILE B 99 -5.79 9.63 -30.29
N ARG B 100 -6.18 9.54 -31.55
CA ARG B 100 -5.40 8.87 -32.59
C ARG B 100 -3.94 9.34 -32.60
N THR B 101 -3.75 10.66 -32.58
CA THR B 101 -2.43 11.28 -32.60
C THR B 101 -1.60 10.91 -31.36
N VAL B 102 -2.27 10.89 -30.20
CA VAL B 102 -1.62 10.53 -28.93
C VAL B 102 -1.08 9.10 -29.00
N LEU B 103 -1.92 8.18 -29.45
CA LEU B 103 -1.56 6.77 -29.53
C LEU B 103 -0.43 6.54 -30.53
N LEU B 104 -0.47 7.27 -31.64
CA LEU B 104 0.58 7.20 -32.66
C LEU B 104 1.91 7.73 -32.15
N SER B 105 1.85 8.79 -31.33
CA SER B 105 3.04 9.37 -30.70
C SER B 105 3.69 8.41 -29.70
N ILE B 106 2.87 7.78 -28.86
CA ILE B 106 3.35 6.78 -27.91
C ILE B 106 3.98 5.60 -28.66
N GLN B 107 3.33 5.18 -29.74
CA GLN B 107 3.85 4.13 -30.60
C GLN B 107 5.20 4.54 -31.20
N ALA B 108 5.28 5.76 -31.70
CA ALA B 108 6.53 6.30 -32.27
C ALA B 108 7.63 6.39 -31.22
N LEU B 109 7.23 6.73 -29.99
CA LEU B 109 8.15 6.84 -28.85
C LEU B 109 8.82 5.50 -28.52
N LEU B 110 8.11 4.40 -28.78
CA LEU B 110 8.67 3.07 -28.57
C LEU B 110 9.79 2.75 -29.57
N SER B 111 9.69 3.31 -30.78
CA SER B 111 10.72 3.16 -31.81
C SER B 111 11.83 4.18 -31.65
N SER B 112 11.48 5.38 -31.17
CA SER B 112 12.45 6.46 -31.00
C SER B 112 12.45 6.97 -29.56
N PRO B 113 13.18 6.27 -28.67
CA PRO B 113 13.29 6.73 -27.29
C PRO B 113 13.98 8.10 -27.22
N GLU B 114 13.66 8.86 -26.19
CA GLU B 114 14.21 10.21 -26.01
C GLU B 114 14.99 10.25 -24.68
N PRO B 115 16.22 9.68 -24.65
CA PRO B 115 16.96 9.54 -23.39
C PRO B 115 17.58 10.85 -22.86
N ASP B 116 17.36 11.95 -23.59
CA ASP B 116 17.76 13.27 -23.11
C ASP B 116 16.57 14.09 -22.62
N ASP B 117 15.60 13.41 -22.01
CA ASP B 117 14.42 14.06 -21.45
C ASP B 117 14.25 13.72 -19.97
N ASP B 120 18.13 12.23 -15.93
CA ASP B 120 18.22 12.11 -14.48
C ASP B 120 17.83 10.70 -14.00
N SER B 121 16.81 10.11 -14.63
CA SER B 121 16.28 8.80 -14.25
C SER B 121 17.28 7.67 -14.47
N LYS B 122 17.29 6.71 -13.56
CA LYS B 122 18.17 5.54 -13.61
C LYS B 122 18.09 4.78 -14.93
N VAL B 123 16.87 4.62 -15.44
CA VAL B 123 16.62 3.93 -16.71
C VAL B 123 17.20 4.71 -17.89
N ALA B 124 16.91 6.02 -17.94
CA ALA B 124 17.40 6.90 -19.00
C ALA B 124 18.93 6.95 -19.05
N GLU B 125 19.56 6.97 -17.87
CA GLU B 125 21.01 6.96 -17.75
C GLU B 125 21.62 5.66 -18.27
N HIS B 126 20.92 4.55 -18.01
CA HIS B 126 21.33 3.23 -18.47
C HIS B 126 21.31 3.12 -20.01
N PHE B 127 20.31 3.75 -20.62
CA PHE B 127 20.22 3.82 -22.08
C PHE B 127 21.28 4.74 -22.68
N LYS B 128 21.67 5.77 -21.93
CA LYS B 128 22.74 6.68 -22.35
C LYS B 128 24.09 5.98 -22.35
N GLN B 129 24.47 5.40 -21.22
CA GLN B 129 25.79 4.80 -21.04
C GLN B 129 25.99 3.53 -21.87
N ASP B 130 25.00 2.63 -21.86
CA ASP B 130 25.08 1.38 -22.60
C ASP B 130 23.73 1.01 -23.23
N LYS B 131 23.49 1.56 -24.41
CA LYS B 131 22.26 1.36 -25.17
C LYS B 131 21.94 -0.13 -25.40
N ASN B 132 22.96 -0.88 -25.83
CA ASN B 132 22.79 -2.29 -26.18
C ASN B 132 22.44 -3.18 -24.99
N ASP B 133 23.01 -2.85 -23.83
CA ASP B 133 22.73 -3.58 -22.60
C ASP B 133 21.36 -3.21 -22.04
N ALA B 134 21.00 -1.93 -22.13
CA ALA B 134 19.69 -1.46 -21.68
C ALA B 134 18.57 -2.08 -22.51
N GLU B 135 18.81 -2.18 -23.82
CA GLU B 135 17.87 -2.83 -24.72
C GLU B 135 17.80 -4.32 -24.48
N HIS B 136 18.88 -4.90 -23.97
CA HIS B 136 18.89 -6.31 -23.60
C HIS B 136 17.99 -6.56 -22.41
N VAL B 137 18.05 -5.67 -21.43
CA VAL B 137 17.15 -5.70 -20.27
C VAL B 137 15.71 -5.53 -20.74
N ALA B 138 15.49 -4.54 -21.61
CA ALA B 138 14.18 -4.25 -22.17
C ALA B 138 13.58 -5.43 -22.93
N ARG B 139 14.44 -6.18 -23.63
CA ARG B 139 14.02 -7.36 -24.38
C ARG B 139 13.57 -8.49 -23.45
N GLN B 140 14.21 -8.57 -22.28
CA GLN B 140 13.86 -9.59 -21.28
C GLN B 140 12.56 -9.28 -20.58
N TRP B 141 12.32 -8.00 -20.31
CA TRP B 141 11.07 -7.55 -19.72
C TRP B 141 9.92 -7.78 -20.68
N ASN B 142 10.18 -7.56 -21.97
CA ASN B 142 9.21 -7.80 -23.03
C ASN B 142 8.73 -9.25 -23.06
N LYS B 143 9.67 -10.19 -22.87
CA LYS B 143 9.38 -11.61 -22.84
C LYS B 143 8.55 -11.95 -21.59
N ILE B 144 8.94 -11.39 -20.45
CA ILE B 144 8.27 -11.63 -19.17
C ILE B 144 6.87 -11.00 -19.13
N TYR B 145 6.79 -9.70 -19.44
CA TYR B 145 5.59 -8.90 -19.17
C TYR B 145 4.64 -8.71 -20.35
N ALA B 146 5.14 -8.83 -21.58
CA ALA B 146 4.36 -8.44 -22.76
C ALA B 146 3.96 -9.57 -23.71
N ASN B 147 4.05 -10.81 -23.25
CA ASN B 147 3.62 -11.96 -24.04
C ASN B 147 2.09 -12.10 -24.04
N ASN B 148 1.57 -12.94 -24.94
CA ASN B 148 0.11 -13.14 -25.06
C ASN B 148 -0.46 -14.22 -24.14
N ASN B 149 0.40 -14.94 -23.44
CA ASN B 149 -0.02 -16.03 -22.53
C ASN B 149 -0.39 -15.56 -21.12
N GLU C 21 -22.47 13.95 -15.44
CA GLU C 21 -21.20 14.12 -14.67
C GLU C 21 -20.08 13.24 -15.22
N VAL C 22 -18.85 13.72 -15.11
CA VAL C 22 -17.68 12.99 -15.58
C VAL C 22 -17.14 12.08 -14.47
N ILE C 23 -17.16 10.77 -14.72
CA ILE C 23 -16.64 9.79 -13.77
C ILE C 23 -15.15 9.55 -14.02
N VAL C 24 -14.31 10.04 -13.11
CA VAL C 24 -12.87 9.80 -13.17
C VAL C 24 -12.54 8.44 -12.52
N PRO C 25 -11.95 7.52 -13.30
CA PRO C 25 -11.65 6.18 -12.79
C PRO C 25 -10.63 6.21 -11.66
N ARG C 26 -10.68 5.18 -10.80
CA ARG C 26 -9.81 5.06 -9.64
C ARG C 26 -8.34 5.37 -9.94
N SER C 27 -7.79 4.70 -10.95
CA SER C 27 -6.37 4.81 -11.31
C SER C 27 -5.93 6.24 -11.62
N PHE C 28 -6.69 6.93 -12.47
CA PHE C 28 -6.36 8.31 -12.86
C PHE C 28 -6.62 9.30 -11.74
N ARG C 29 -7.63 9.02 -10.93
CA ARG C 29 -7.89 9.78 -9.71
C ARG C 29 -6.70 9.72 -8.75
N LEU C 30 -6.17 8.52 -8.53
CA LEU C 30 -5.01 8.34 -7.66
C LEU C 30 -3.72 8.91 -8.26
N LEU C 31 -3.61 8.85 -9.58
CA LEU C 31 -2.46 9.42 -10.29
C LEU C 31 -2.44 10.93 -10.21
N ASP C 32 -3.62 11.55 -10.23
CA ASP C 32 -3.76 12.99 -10.03
C ASP C 32 -3.31 13.41 -8.64
N GLU C 33 -3.75 12.67 -7.62
CA GLU C 33 -3.35 12.91 -6.24
C GLU C 33 -1.85 12.71 -6.05
N LEU C 34 -1.29 11.73 -6.75
CA LEU C 34 0.14 11.45 -6.71
C LEU C 34 0.95 12.60 -7.32
N GLU C 35 0.50 13.11 -8.47
CA GLU C 35 1.12 14.25 -9.13
C GLU C 35 1.18 15.46 -8.20
N ARG C 36 0.09 15.69 -7.47
CA ARG C 36 0.02 16.78 -6.51
C ARG C 36 1.02 16.58 -5.36
N GLY C 37 1.00 15.40 -4.75
CA GLY C 37 1.88 15.08 -3.63
C GLY C 37 3.36 15.10 -3.97
N GLN C 38 3.71 14.56 -5.14
CA GLN C 38 5.10 14.50 -5.59
C GLN C 38 5.68 15.89 -5.89
N LYS C 39 4.83 16.78 -6.43
CA LYS C 39 5.23 18.13 -6.79
C LYS C 39 5.58 19.00 -5.59
N GLY C 40 4.89 18.76 -4.48
CA GLY C 40 4.97 19.64 -3.31
C GLY C 40 3.86 20.68 -3.34
N ASN C 41 2.92 20.51 -4.27
CA ASN C 41 1.73 21.36 -4.39
C ASN C 41 0.69 20.98 -3.32
N VAL C 42 1.16 20.80 -2.10
CA VAL C 42 0.32 20.30 -1.01
C VAL C 42 0.15 21.34 0.10
N SER C 43 -0.83 21.11 0.96
CA SER C 43 -1.07 21.93 2.15
C SER C 43 0.16 21.93 3.07
N GLU C 44 0.25 22.95 3.92
CA GLU C 44 1.38 23.07 4.83
C GLU C 44 1.31 22.02 5.93
N GLY C 45 2.45 21.36 6.17
CA GLY C 45 2.56 20.37 7.24
C GLY C 45 2.20 18.94 6.85
N VAL C 46 1.72 18.75 5.62
CA VAL C 46 1.37 17.42 5.13
C VAL C 46 2.23 17.00 3.93
N SER C 47 2.54 15.71 3.86
CA SER C 47 3.23 15.14 2.71
C SER C 47 2.73 13.73 2.45
N PHE C 48 2.56 13.41 1.17
CA PHE C 48 2.07 12.09 0.78
C PHE C 48 2.62 11.63 -0.56
N GLY C 49 3.02 10.36 -0.60
CA GLY C 49 3.47 9.71 -1.81
C GLY C 49 3.24 8.21 -1.69
N LEU C 50 3.65 7.47 -2.71
CA LEU C 50 3.49 6.02 -2.69
C LEU C 50 4.51 5.37 -1.77
N GLU C 51 4.06 4.33 -1.08
CA GLU C 51 4.91 3.53 -0.22
C GLU C 51 5.94 2.78 -1.07
N SER C 52 5.48 2.20 -2.17
CA SER C 52 6.35 1.52 -3.14
C SER C 52 6.35 2.24 -4.48
N ALA C 53 7.55 2.52 -5.00
CA ALA C 53 7.72 3.25 -6.26
C ALA C 53 7.15 2.53 -7.48
N ASP C 54 7.09 1.20 -7.41
CA ASP C 54 6.51 0.43 -8.51
C ASP C 54 5.21 -0.30 -8.15
N ASP C 55 4.44 0.28 -7.23
CA ASP C 55 3.09 -0.20 -6.92
C ASP C 55 2.11 0.34 -7.96
N ILE C 56 1.82 -0.49 -8.95
CA ILE C 56 0.99 -0.10 -10.10
C ILE C 56 -0.47 0.17 -9.72
N THR C 57 -0.93 -0.43 -8.63
CA THR C 57 -2.31 -0.24 -8.16
C THR C 57 -2.50 1.07 -7.42
N LEU C 58 -1.39 1.68 -6.99
CA LEU C 58 -1.38 2.96 -6.28
C LEU C 58 -2.22 2.92 -5.00
N SER C 59 -2.08 1.85 -4.23
CA SER C 59 -2.95 1.59 -3.09
C SER C 59 -2.37 1.98 -1.74
N ASN C 60 -1.07 1.81 -1.57
CA ASN C 60 -0.41 2.02 -0.29
C ASN C 60 0.37 3.31 -0.26
N TRP C 61 -0.03 4.22 0.64
CA TRP C 61 0.51 5.57 0.67
C TRP C 61 1.31 5.88 1.93
N SER C 62 2.56 6.28 1.73
CA SER C 62 3.44 6.69 2.82
C SER C 62 3.27 8.18 3.09
N CYS C 63 2.79 8.53 4.28
CA CYS C 63 2.42 9.89 4.60
C CYS C 63 3.16 10.49 5.80
N THR C 64 3.04 11.81 5.94
CA THR C 64 3.64 12.55 7.05
C THR C 64 2.75 13.75 7.39
N ILE C 65 2.49 13.92 8.69
CA ILE C 65 1.87 15.15 9.19
C ILE C 65 2.73 15.77 10.29
N PHE C 66 2.91 17.09 10.20
CA PHE C 66 3.70 17.85 11.16
C PHE C 66 2.85 18.22 12.37
N GLY C 67 3.45 18.17 13.55
CA GLY C 67 2.75 18.52 14.79
C GLY C 67 2.41 20.00 14.89
N GLN C 68 1.21 20.30 15.38
CA GLN C 68 0.72 21.67 15.49
C GLN C 68 1.52 22.48 16.52
N PRO C 69 2.05 23.65 16.10
CA PRO C 69 2.76 24.53 17.02
C PRO C 69 1.84 25.04 18.12
N GLY C 70 2.35 25.07 19.35
CA GLY C 70 1.56 25.50 20.51
C GLY C 70 0.78 24.37 21.16
N THR C 71 0.99 23.15 20.69
CA THR C 71 0.38 21.95 21.27
C THR C 71 1.46 20.96 21.70
N VAL C 72 1.03 19.88 22.33
CA VAL C 72 1.92 18.81 22.78
C VAL C 72 2.60 18.08 21.60
N PHE C 73 2.00 18.19 20.42
CA PHE C 73 2.48 17.51 19.21
C PHE C 73 3.57 18.29 18.47
N GLU C 74 3.84 19.53 18.91
CA GLU C 74 4.75 20.43 18.19
C GLU C 74 6.18 19.91 18.05
N ASN C 75 6.85 20.38 16.99
CA ASN C 75 8.27 20.08 16.72
C ASN C 75 8.62 18.62 16.44
N ARG C 76 7.65 17.84 15.96
CA ARG C 76 7.87 16.45 15.60
C ARG C 76 7.04 15.98 14.41
N ILE C 77 7.63 15.11 13.59
CA ILE C 77 6.98 14.57 12.41
C ILE C 77 6.37 13.20 12.68
N TYR C 78 5.17 12.97 12.15
CA TYR C 78 4.47 11.71 12.32
C TYR C 78 4.33 10.96 11.00
N SER C 79 5.02 9.83 10.88
CA SER C 79 4.87 8.95 9.72
C SER C 79 3.64 8.08 9.89
N LEU C 80 2.84 7.98 8.82
CA LEU C 80 1.64 7.17 8.81
C LEU C 80 1.36 6.59 7.43
N THR C 81 0.53 5.54 7.40
CA THR C 81 0.24 4.81 6.17
C THR C 81 -1.25 4.84 5.86
N ILE C 82 -1.59 5.21 4.63
CA ILE C 82 -2.98 5.23 4.17
C ILE C 82 -3.17 4.23 3.03
N PHE C 83 -4.18 3.38 3.17
CA PHE C 83 -4.46 2.36 2.16
C PHE C 83 -5.80 2.58 1.47
N CYS C 84 -5.75 2.80 0.16
CA CYS C 84 -6.95 2.95 -0.65
C CYS C 84 -7.30 1.62 -1.30
N ASP C 85 -8.49 1.09 -0.99
CA ASP C 85 -8.93 -0.18 -1.56
C ASP C 85 -9.50 0.01 -2.97
N ASP C 86 -9.97 -1.08 -3.56
CA ASP C 86 -10.41 -1.08 -4.96
C ASP C 86 -11.65 -0.22 -5.26
N ASN C 87 -12.36 0.19 -4.22
CA ASN C 87 -13.55 1.03 -4.39
C ASN C 87 -13.32 2.52 -4.13
N TYR C 88 -12.08 2.87 -3.80
CA TYR C 88 -11.67 4.28 -3.70
C TYR C 88 -11.89 4.96 -5.05
N PRO C 89 -12.39 6.21 -5.05
CA PRO C 89 -12.69 7.07 -3.92
C PRO C 89 -14.11 6.96 -3.36
N ASP C 90 -14.93 6.07 -3.91
CA ASP C 90 -16.31 5.89 -3.46
C ASP C 90 -16.43 5.37 -2.02
N SER C 91 -15.35 4.77 -1.53
CA SER C 91 -15.29 4.29 -0.15
C SER C 91 -14.04 4.85 0.54
N PRO C 92 -14.13 5.10 1.87
CA PRO C 92 -12.99 5.69 2.58
C PRO C 92 -11.78 4.75 2.66
N PRO C 93 -10.56 5.31 2.55
CA PRO C 93 -9.36 4.53 2.80
C PRO C 93 -9.13 4.30 4.30
N THR C 94 -8.26 3.35 4.63
CA THR C 94 -7.92 3.08 6.03
C THR C 94 -6.63 3.80 6.40
N VAL C 95 -6.56 4.28 7.64
CA VAL C 95 -5.44 5.08 8.10
C VAL C 95 -4.80 4.45 9.33
N LYS C 96 -3.47 4.47 9.38
CA LYS C 96 -2.71 3.84 10.44
C LYS C 96 -1.39 4.57 10.67
N PHE C 97 -1.16 4.99 11.92
CA PHE C 97 0.07 5.70 12.28
C PHE C 97 1.23 4.73 12.52
N ASP C 98 2.40 5.11 12.03
N ASP C 98 2.41 5.10 12.01
CA ASP C 98 3.63 4.36 12.26
CA ASP C 98 3.62 4.34 12.30
C ASP C 98 4.39 4.96 13.45
C ASP C 98 4.34 4.96 13.49
N THR C 99 4.40 6.29 13.51
CA THR C 99 4.96 7.02 14.65
C THR C 99 3.90 7.03 15.73
N LYS C 100 4.31 6.71 16.96
CA LYS C 100 3.40 6.59 18.10
C LYS C 100 2.76 7.94 18.43
N ILE C 101 1.43 7.94 18.55
CA ILE C 101 0.67 9.16 18.84
C ILE C 101 -0.53 8.87 19.75
N GLU C 102 -0.74 9.75 20.73
CA GLU C 102 -1.88 9.64 21.64
C GLU C 102 -2.94 10.65 21.23
N MET C 103 -4.04 10.16 20.67
CA MET C 103 -5.15 11.00 20.24
C MET C 103 -6.49 10.28 20.37
N SER C 104 -7.57 11.07 20.46
CA SER C 104 -8.93 10.56 20.60
C SER C 104 -9.38 9.67 19.44
N CYS C 105 -8.86 9.95 18.25
CA CYS C 105 -9.27 9.24 17.03
C CYS C 105 -8.33 8.08 16.65
N VAL C 106 -7.29 7.86 17.45
CA VAL C 106 -6.31 6.81 17.20
C VAL C 106 -6.35 5.76 18.31
N ASP C 107 -6.49 4.49 17.91
CA ASP C 107 -6.47 3.39 18.88
C ASP C 107 -5.05 3.08 19.39
N ASN C 108 -4.92 2.02 20.20
CA ASN C 108 -3.63 1.69 20.81
C ASN C 108 -2.64 1.02 19.86
N CYS C 109 -3.08 0.72 18.65
CA CYS C 109 -2.25 0.08 17.63
C CYS C 109 -1.87 1.04 16.51
N GLY C 110 -2.46 2.23 16.55
CA GLY C 110 -2.13 3.28 15.58
C GLY C 110 -3.19 3.52 14.53
N ARG C 111 -4.21 2.67 14.52
CA ARG C 111 -5.28 2.77 13.52
C ARG C 111 -6.26 3.87 13.88
N VAL C 112 -6.63 4.66 12.88
CA VAL C 112 -7.61 5.72 13.06
C VAL C 112 -9.01 5.14 13.13
N ILE C 113 -9.72 5.47 14.21
CA ILE C 113 -11.08 5.01 14.42
C ILE C 113 -12.02 5.81 13.51
N LYS C 114 -12.70 5.09 12.62
CA LYS C 114 -13.54 5.71 11.60
C LYS C 114 -14.60 6.66 12.18
N ASN C 115 -15.20 6.26 13.31
CA ASN C 115 -16.23 7.07 13.97
C ASN C 115 -15.71 8.35 14.60
N ASN C 116 -14.44 8.34 15.01
CA ASN C 116 -13.84 9.47 15.70
C ASN C 116 -13.18 10.52 14.77
N LEU C 117 -13.40 10.36 13.47
CA LEU C 117 -12.92 11.32 12.48
C LEU C 117 -14.03 11.59 11.46
N HIS C 118 -14.46 12.84 11.40
CA HIS C 118 -15.68 13.21 10.66
C HIS C 118 -15.65 12.88 9.17
N ILE C 119 -14.50 13.11 8.52
CA ILE C 119 -14.37 12.82 7.09
C ILE C 119 -14.36 11.33 6.76
N LEU C 120 -13.88 10.50 7.68
CA LEU C 120 -13.95 9.05 7.52
C LEU C 120 -15.31 8.48 7.92
N LYS C 121 -15.91 9.05 8.97
CA LYS C 121 -17.24 8.67 9.44
C LYS C 121 -18.30 8.85 8.35
N ASN C 122 -18.30 10.02 7.72
CA ASN C 122 -19.19 10.31 6.60
C ASN C 122 -18.36 10.65 5.38
N TRP C 123 -17.84 9.61 4.73
CA TRP C 123 -16.94 9.77 3.60
C TRP C 123 -17.66 10.26 2.35
N ASN C 124 -17.05 11.21 1.68
CA ASN C 124 -17.49 11.67 0.37
C ASN C 124 -16.39 11.42 -0.64
N ARG C 125 -16.77 11.09 -1.87
CA ARG C 125 -15.80 10.76 -2.92
C ARG C 125 -14.92 11.94 -3.34
N ASN C 126 -15.35 13.16 -3.00
CA ASN C 126 -14.59 14.37 -3.28
C ASN C 126 -13.45 14.59 -2.29
N TYR C 127 -13.49 13.91 -1.15
CA TYR C 127 -12.40 13.99 -0.17
C TYR C 127 -11.19 13.24 -0.68
N THR C 128 -10.01 13.75 -0.37
CA THR C 128 -8.76 13.15 -0.85
C THR C 128 -7.90 12.66 0.32
N ILE C 129 -6.76 12.06 -0.02
CA ILE C 129 -5.76 11.66 0.97
C ILE C 129 -5.26 12.89 1.73
N GLU C 130 -5.12 14.01 1.01
CA GLU C 130 -4.75 15.29 1.62
C GLU C 130 -5.78 15.71 2.68
N THR C 131 -7.06 15.64 2.31
CA THR C 131 -8.16 15.97 3.22
C THR C 131 -8.03 15.24 4.55
N ILE C 132 -7.72 13.93 4.47
CA ILE C 132 -7.54 13.10 5.66
C ILE C 132 -6.37 13.58 6.51
N LEU C 133 -5.25 13.90 5.85
CA LEU C 133 -4.05 14.36 6.54
C LEU C 133 -4.24 15.71 7.22
N ILE C 134 -4.96 16.61 6.56
CA ILE C 134 -5.30 17.92 7.13
C ILE C 134 -6.25 17.75 8.33
N SER C 135 -7.24 16.88 8.18
CA SER C 135 -8.22 16.64 9.24
C SER C 135 -7.60 16.09 10.51
N LEU C 136 -6.53 15.30 10.35
CA LEU C 136 -5.79 14.76 11.49
C LEU C 136 -4.98 15.85 12.17
N ARG C 137 -4.47 16.80 11.39
CA ARG C 137 -3.77 17.97 11.91
C ARG C 137 -4.69 18.89 12.68
N GLN C 138 -5.97 18.93 12.29
CA GLN C 138 -6.98 19.70 13.00
C GLN C 138 -7.34 19.08 14.35
N GLU C 139 -7.43 17.76 14.37
CA GLU C 139 -7.77 17.02 15.58
C GLU C 139 -6.71 17.20 16.67
N MET C 140 -5.51 17.61 16.26
CA MET C 140 -4.43 17.94 17.19
C MET C 140 -4.77 19.18 18.02
N LEU C 141 -5.54 20.09 17.43
CA LEU C 141 -5.89 21.37 18.07
C LEU C 141 -7.05 21.25 19.07
N SER C 142 -7.82 20.18 18.99
CA SER C 142 -8.99 19.99 19.86
C SER C 142 -8.58 19.97 21.33
N SER C 143 -9.48 20.43 22.20
CA SER C 143 -9.23 20.54 23.64
C SER C 143 -8.90 19.20 24.30
N ALA C 144 -9.49 18.12 23.79
CA ALA C 144 -9.25 16.77 24.30
C ALA C 144 -7.84 16.26 24.01
N ASN C 145 -7.26 16.69 22.89
CA ASN C 145 -5.95 16.22 22.44
C ASN C 145 -4.81 17.20 22.68
N LYS C 146 -5.15 18.48 22.79
CA LYS C 146 -4.20 19.59 22.88
C LYS C 146 -3.13 19.39 23.98
N ARG C 147 -3.58 19.03 25.18
CA ARG C 147 -2.70 18.93 26.34
C ARG C 147 -2.41 17.49 26.76
N LEU C 148 -2.89 16.53 25.97
CA LEU C 148 -2.72 15.10 26.25
C LEU C 148 -1.26 14.68 26.13
N PRO C 149 -0.66 14.18 27.23
CA PRO C 149 0.75 13.76 27.25
C PRO C 149 1.07 12.69 26.21
N GLN C 150 2.25 12.80 25.59
CA GLN C 150 2.67 11.92 24.51
C GLN C 150 3.90 11.10 24.88
N PRO C 151 4.09 9.93 24.22
CA PRO C 151 5.32 9.16 24.41
C PRO C 151 6.53 9.87 23.80
N ASN C 152 7.73 9.37 24.12
CA ASN C 152 8.99 9.96 23.64
C ASN C 152 9.04 10.18 22.13
N GLU C 153 9.74 11.22 21.71
CA GLU C 153 9.84 11.59 20.30
C GLU C 153 10.56 10.51 19.49
N GLY C 154 9.89 10.03 18.44
CA GLY C 154 10.46 9.03 17.55
C GLY C 154 10.13 7.59 17.90
N GLU C 155 9.15 7.40 18.78
CA GLU C 155 8.73 6.05 19.18
C GLU C 155 7.78 5.43 18.15
N VAL C 156 7.97 4.15 17.89
CA VAL C 156 7.07 3.37 17.04
C VAL C 156 6.21 2.45 17.90
N TYR C 157 5.12 1.93 17.33
CA TYR C 157 4.27 0.98 18.02
C TYR C 157 4.97 -0.36 18.19
N SER C 158 4.66 -1.06 19.28
CA SER C 158 5.27 -2.36 19.58
C SER C 158 4.30 -3.27 20.32
UNK UNX D . 27.58 -4.60 -24.42
UNK UNX E . 26.82 -5.68 -25.06
UNK UNX F . 27.22 -4.50 -23.02
UNK UNX G . 29.01 -4.89 -24.55
UNK UNX H . 27.28 -3.33 -25.09
#